data_7ATR
#
_entry.id   7ATR
#
_cell.length_a   91.440
_cell.length_b   105.267
_cell.length_c   145.387
_cell.angle_alpha   90.000
_cell.angle_beta   90.000
_cell.angle_gamma   90.000
#
_symmetry.space_group_name_H-M   'I 2 2 2'
#
loop_
_entity.id
_entity.type
_entity.pdbx_description
1 polymer 'Uncharacterized protein YejA'
2 polymer 'Uncharacterized protein YejA'
3 non-polymer GLYCEROL
4 water water
#
loop_
_entity_poly.entity_id
_entity_poly.type
_entity_poly.pdbx_seq_one_letter_code
_entity_poly.pdbx_strand_id
1 'polypeptide(L)'
;MQAIKESYAFAVLGEPRYAFNFNHFDYVNPAAPKGGQITLSALGTFDNFNRYALRGNPGARTEQLYDTLFTTSDDEPGSY
YPLIAESARYADDYSWVEVAINPRARFHDGSPITARDVEFTFQKFMTEGVPQFRLVYKGTTVKAIAPLTVRIELAKPGKE
DMLSLFSLPVFPEKYWKDHKLSDPLATPPLASGPYRVTSWKMGQNIVYSRVKDYWAANLPVNRGRWNFDTIRYDYYLDDN
VAFEAFKAGAFDLRMENDAKNWATRYTGKNFDKKYIIKDEQKNESAQDTRWLAFNIQRPVFSDRRVREAITLAFDFEWMN
KALFYNAWSRTNSYFQNTEYAARNYPDAAELVLLAPMKKDLPSEVFTQIYQPPVSKGDGYDRDNLLKADKLLNEAGWVLK
GQQRVNATTGQPLSFELLLPASSNSQWVLPFQHSLQRLGINMDIRKVDNSQITNRMRSRDYDMMPRVWRAMPWPSSDLQI
SWSSEYINSTYNAPGVQSPVIDSLINQIIAAQGNKEKLLPLGRALDRVLTWNYYMLPMWYMAEDRLAWWDKFSQPAVRPI
YSLGIDTWWYDVNKAAKLPS
;
A
2 'polypeptide(L)' LGEPRYAFNFN B
#
# COMPACT_ATOMS: atom_id res chain seq x y z
N MET A 1 23.15 31.46 17.55
CA MET A 1 23.39 30.02 17.91
C MET A 1 22.30 29.18 17.25
N GLN A 2 22.65 27.98 16.77
CA GLN A 2 21.68 26.97 16.24
C GLN A 2 20.72 26.61 17.40
N ALA A 3 19.42 26.46 17.10
CA ALA A 3 18.36 26.22 18.10
C ALA A 3 18.07 24.71 18.22
N ILE A 4 18.09 24.19 19.43
CA ILE A 4 17.87 22.74 19.75
C ILE A 4 16.51 22.58 20.43
N LYS A 5 15.66 21.72 19.87
CA LYS A 5 14.28 21.52 20.41
C LYS A 5 14.23 20.16 21.14
N GLU A 6 13.28 19.95 22.04
CA GLU A 6 13.04 18.60 22.64
C GLU A 6 11.54 18.32 22.52
N SER A 7 11.13 17.13 22.06
CA SER A 7 9.68 16.87 21.83
C SER A 7 9.38 15.41 22.17
N TYR A 8 8.10 15.13 22.43
CA TYR A 8 7.55 13.78 22.67
C TYR A 8 6.61 13.36 21.52
N ALA A 9 6.40 14.21 20.51
CA ALA A 9 5.51 13.91 19.35
C ALA A 9 5.96 14.71 18.14
N PHE A 10 5.66 14.17 16.97
CA PHE A 10 6.08 14.77 15.67
C PHE A 10 4.97 14.60 14.64
N ALA A 11 4.90 15.52 13.64
CA ALA A 11 3.98 15.42 12.48
C ALA A 11 4.70 15.82 11.21
N VAL A 12 4.39 15.16 10.08
CA VAL A 12 5.14 15.44 8.81
C VAL A 12 4.74 16.84 8.35
N LEU A 13 3.45 17.17 8.44
CA LEU A 13 2.87 18.49 8.05
C LEU A 13 2.06 19.01 9.23
N GLY A 14 2.39 20.22 9.67
CA GLY A 14 1.65 20.84 10.79
C GLY A 14 2.03 20.27 12.15
N GLU A 15 1.10 20.35 13.09
CA GLU A 15 1.27 19.96 14.51
C GLU A 15 0.57 18.66 14.82
N PRO A 16 1.14 17.84 15.73
CA PRO A 16 0.47 16.60 16.15
C PRO A 16 -0.78 16.84 17.02
N ARG A 17 -1.87 16.07 16.77
CA ARG A 17 -3.17 16.18 17.46
C ARG A 17 -3.01 15.90 18.95
N TYR A 18 -2.19 14.95 19.34
CA TYR A 18 -2.06 14.47 20.75
C TYR A 18 -0.79 15.01 21.40
N ALA A 19 -0.49 16.27 21.14
CA ALA A 19 0.70 16.97 21.67
C ALA A 19 0.58 17.34 23.17
N PHE A 20 -0.63 17.45 23.73
CA PHE A 20 -0.85 17.87 25.15
C PHE A 20 -1.74 16.87 25.90
N ASN A 21 -1.29 16.44 27.11
CA ASN A 21 -2.10 15.65 28.06
C ASN A 21 -2.58 14.36 27.35
N PHE A 22 -1.66 13.61 26.74
CA PHE A 22 -2.05 12.42 25.93
C PHE A 22 -2.18 11.18 26.86
N ASN A 23 -3.41 10.73 27.13
CA ASN A 23 -3.75 9.53 27.96
C ASN A 23 -4.06 8.32 27.04
N HIS A 24 -4.69 8.54 25.91
CA HIS A 24 -5.16 7.46 24.99
C HIS A 24 -5.76 8.12 23.76
N PHE A 25 -5.86 7.39 22.66
CA PHE A 25 -6.39 7.98 21.41
C PHE A 25 -7.90 8.21 21.52
N ASP A 26 -8.48 9.10 20.72
CA ASP A 26 -9.95 9.40 20.75
C ASP A 26 -10.81 8.19 20.24
N TYR A 27 -10.22 7.27 19.48
CA TYR A 27 -10.88 6.16 18.75
C TYR A 27 -10.70 4.84 19.50
N VAL A 28 -10.36 4.85 20.80
CA VAL A 28 -10.30 3.61 21.63
C VAL A 28 -11.26 3.74 22.82
N ASN A 29 -11.61 2.58 23.37
CA ASN A 29 -12.20 2.43 24.72
C ASN A 29 -11.07 2.07 25.66
N PRO A 30 -10.57 2.97 26.51
CA PRO A 30 -9.46 2.62 27.43
C PRO A 30 -9.76 1.47 28.41
N ALA A 31 -11.04 1.18 28.66
CA ALA A 31 -11.48 0.10 29.56
C ALA A 31 -11.82 -1.17 28.75
N ALA A 32 -11.45 -1.28 27.47
CA ALA A 32 -11.81 -2.49 26.69
C ALA A 32 -11.31 -3.74 27.41
N PRO A 33 -12.17 -4.80 27.56
CA PRO A 33 -11.70 -6.04 28.20
C PRO A 33 -10.80 -6.93 27.33
N LYS A 34 -9.87 -7.67 27.94
CA LYS A 34 -8.96 -8.62 27.25
C LYS A 34 -9.64 -9.99 27.19
N GLY A 35 -9.40 -10.74 26.13
CA GLY A 35 -9.90 -12.12 26.00
C GLY A 35 -10.48 -12.41 24.63
N GLY A 36 -10.64 -13.71 24.37
CA GLY A 36 -11.32 -14.18 23.17
C GLY A 36 -10.44 -14.28 21.92
N GLN A 37 -11.02 -14.85 20.86
CA GLN A 37 -10.33 -15.07 19.58
C GLN A 37 -11.05 -14.29 18.47
N ILE A 38 -10.26 -13.75 17.55
CA ILE A 38 -10.74 -13.36 16.20
C ILE A 38 -10.01 -14.23 15.16
N THR A 39 -10.80 -14.79 14.25
CA THR A 39 -10.33 -15.62 13.10
C THR A 39 -10.54 -14.82 11.80
N LEU A 40 -9.46 -14.65 11.04
CA LEU A 40 -9.41 -13.85 9.78
C LEU A 40 -8.97 -14.74 8.61
N SER A 41 -9.30 -14.31 7.37
CA SER A 41 -8.87 -15.00 6.14
C SER A 41 -7.66 -14.30 5.54
N ALA A 42 -6.90 -15.05 4.76
CA ALA A 42 -5.87 -14.50 3.85
C ALA A 42 -5.94 -15.28 2.53
N LEU A 43 -5.66 -14.63 1.40
CA LEU A 43 -5.71 -15.29 0.08
C LEU A 43 -4.30 -15.70 -0.33
N GLY A 44 -4.17 -16.85 -0.99
CA GLY A 44 -2.87 -17.30 -1.55
C GLY A 44 -2.17 -18.23 -0.61
N THR A 45 -0.92 -17.97 -0.37
CA THR A 45 -0.10 -18.86 0.49
C THR A 45 1.00 -18.05 1.13
N PHE A 46 1.74 -18.68 2.04
CA PHE A 46 2.97 -18.09 2.61
C PHE A 46 4.00 -19.20 2.78
N ASP A 47 5.27 -18.84 2.89
CA ASP A 47 6.34 -19.88 3.01
C ASP A 47 7.44 -19.48 4.01
N ASN A 48 7.34 -18.33 4.69
CA ASN A 48 8.39 -17.91 5.66
C ASN A 48 7.91 -16.76 6.54
N PHE A 49 8.74 -16.35 7.51
CA PHE A 49 8.37 -15.38 8.56
C PHE A 49 9.19 -14.08 8.49
N ASN A 50 10.07 -13.91 7.50
CA ASN A 50 10.96 -12.69 7.39
C ASN A 50 10.41 -11.73 6.32
N ARG A 51 9.66 -10.72 6.76
CA ARG A 51 9.08 -9.67 5.86
C ARG A 51 10.18 -8.91 5.09
N TYR A 52 11.40 -8.82 5.63
CA TYR A 52 12.51 -7.95 5.15
C TYR A 52 13.45 -8.68 4.18
N ALA A 53 13.19 -9.95 3.83
CA ALA A 53 14.10 -10.75 2.97
C ALA A 53 14.07 -10.28 1.51
N LEU A 54 15.03 -10.79 0.75
CA LEU A 54 15.11 -10.50 -0.71
C LEU A 54 14.16 -11.41 -1.54
N ARG A 55 13.59 -12.45 -0.94
N ARG A 55 13.66 -12.49 -0.94
CA ARG A 55 12.67 -13.36 -1.66
CA ARG A 55 12.85 -13.54 -1.62
C ARG A 55 11.70 -14.00 -0.67
C ARG A 55 11.74 -14.03 -0.67
N GLY A 56 10.77 -14.79 -1.19
CA GLY A 56 9.77 -15.50 -0.37
C GLY A 56 8.43 -14.78 -0.29
N ASN A 57 7.44 -15.50 0.19
CA ASN A 57 6.06 -15.04 0.41
C ASN A 57 5.88 -14.97 1.91
N PRO A 58 6.02 -13.77 2.54
CA PRO A 58 5.91 -13.69 3.99
C PRO A 58 4.51 -13.84 4.57
N GLY A 59 4.41 -14.39 5.79
CA GLY A 59 3.14 -14.66 6.46
C GLY A 59 2.32 -13.42 6.77
N ALA A 60 1.01 -13.56 6.88
CA ALA A 60 0.12 -12.49 7.39
C ALA A 60 0.65 -11.92 8.70
N ARG A 61 0.69 -10.57 8.81
CA ARG A 61 0.99 -9.81 10.06
C ARG A 61 2.51 -9.85 10.38
N THR A 62 3.39 -10.40 9.51
CA THR A 62 4.83 -10.52 9.82
C THR A 62 5.54 -9.15 9.65
N GLU A 63 4.83 -8.13 9.19
CA GLU A 63 5.35 -6.73 9.22
C GLU A 63 5.11 -6.06 10.57
N GLN A 64 4.38 -6.71 11.48
CA GLN A 64 4.02 -6.14 12.81
C GLN A 64 4.64 -7.00 13.95
N LEU A 65 5.72 -7.75 13.74
CA LEU A 65 6.31 -8.58 14.82
C LEU A 65 7.04 -7.71 15.84
N TYR A 66 7.54 -6.55 15.46
CA TYR A 66 8.47 -5.69 16.24
C TYR A 66 7.84 -4.33 16.58
N ASP A 67 8.06 -3.90 17.81
CA ASP A 67 7.89 -2.46 18.17
C ASP A 67 9.00 -1.63 17.49
N THR A 68 8.69 -0.34 17.38
CA THR A 68 9.51 0.71 16.73
C THR A 68 9.77 1.87 17.69
N LEU A 69 10.69 2.79 17.33
CA LEU A 69 10.97 3.95 18.25
C LEU A 69 9.71 4.80 18.54
N PHE A 70 8.98 5.22 17.51
CA PHE A 70 7.70 5.98 17.62
C PHE A 70 6.69 5.25 16.74
N THR A 71 5.43 5.38 17.07
CA THR A 71 4.30 4.75 16.31
C THR A 71 3.28 5.78 15.89
N THR A 72 2.57 5.54 14.78
CA THR A 72 1.64 6.56 14.23
C THR A 72 0.23 6.41 14.77
N SER A 73 -0.50 7.51 14.86
CA SER A 73 -1.96 7.51 15.11
C SER A 73 -2.66 7.15 13.82
N ASP A 74 -3.89 6.62 13.96
CA ASP A 74 -4.69 6.22 12.77
C ASP A 74 -5.72 7.28 12.38
N ASP A 75 -5.78 8.42 13.05
CA ASP A 75 -6.75 9.52 12.76
C ASP A 75 -5.98 10.72 12.18
N GLU A 76 -4.70 10.57 11.85
CA GLU A 76 -3.86 11.66 11.27
C GLU A 76 -3.05 11.09 10.12
N PRO A 77 -2.74 11.89 9.08
CA PRO A 77 -1.96 11.33 7.96
C PRO A 77 -0.51 10.90 8.26
N GLY A 78 0.17 11.53 9.23
CA GLY A 78 1.60 11.24 9.51
C GLY A 78 2.07 11.84 10.83
N SER A 79 1.51 11.37 11.97
CA SER A 79 1.90 11.84 13.33
C SER A 79 2.43 10.69 14.20
N TYR A 80 3.51 10.94 14.92
CA TYR A 80 4.37 9.95 15.61
C TYR A 80 4.39 10.21 17.12
N TYR A 81 4.22 9.15 17.92
CA TYR A 81 4.09 9.17 19.39
C TYR A 81 4.97 8.09 20.02
N PRO A 82 5.36 8.24 21.31
CA PRO A 82 6.36 7.36 21.90
C PRO A 82 5.93 5.89 21.98
N LEU A 83 6.89 5.01 21.62
CA LEU A 83 6.74 3.54 21.83
C LEU A 83 8.02 3.02 22.51
N ILE A 84 9.06 2.59 21.79
CA ILE A 84 10.35 2.21 22.44
C ILE A 84 11.03 3.50 22.94
N ALA A 85 11.01 4.56 22.14
CA ALA A 85 11.56 5.88 22.54
C ALA A 85 10.67 6.59 23.58
N GLU A 86 11.27 7.40 24.47
CA GLU A 86 10.48 8.31 25.34
C GLU A 86 10.39 9.70 24.74
N SER A 87 11.46 10.16 24.08
CA SER A 87 11.57 11.60 23.68
C SER A 87 12.71 11.74 22.68
N ALA A 88 12.83 12.92 22.05
CA ALA A 88 13.99 13.24 21.19
C ALA A 88 14.36 14.72 21.27
N ARG A 89 15.67 14.95 21.18
CA ARG A 89 16.30 16.29 21.04
C ARG A 89 16.81 16.43 19.61
N TYR A 90 16.63 17.60 19.00
CA TYR A 90 16.86 17.71 17.53
C TYR A 90 17.22 19.13 17.08
N ALA A 91 18.04 19.16 16.02
CA ALA A 91 18.30 20.38 15.22
C ALA A 91 16.96 20.88 14.62
N ASP A 92 16.84 22.21 14.49
CA ASP A 92 15.71 22.91 13.81
C ASP A 92 15.42 22.40 12.40
N ASP A 93 16.44 21.95 11.64
CA ASP A 93 16.33 21.43 10.25
C ASP A 93 16.20 19.92 10.17
N TYR A 94 16.05 19.26 11.32
CA TYR A 94 15.92 17.78 11.45
C TYR A 94 17.13 17.07 10.79
N SER A 95 18.33 17.66 10.75
CA SER A 95 19.48 16.96 10.15
C SER A 95 20.21 16.13 11.22
N TRP A 96 19.87 16.29 12.52
CA TRP A 96 20.34 15.36 13.56
C TRP A 96 19.26 15.25 14.64
N VAL A 97 19.25 14.07 15.28
CA VAL A 97 18.31 13.82 16.40
C VAL A 97 19.02 12.90 17.41
N GLU A 98 18.78 13.12 18.71
CA GLU A 98 19.21 12.21 19.78
C GLU A 98 17.95 11.61 20.43
N VAL A 99 17.76 10.32 20.32
CA VAL A 99 16.53 9.63 20.81
C VAL A 99 16.86 8.97 22.17
N ALA A 100 16.05 9.24 23.19
CA ALA A 100 16.12 8.63 24.54
C ALA A 100 15.27 7.35 24.54
N ILE A 101 15.92 6.19 24.85
CA ILE A 101 15.26 4.84 24.88
C ILE A 101 14.62 4.59 26.27
N ASN A 102 13.38 4.10 26.30
CA ASN A 102 12.70 3.73 27.56
C ASN A 102 13.48 2.63 28.27
N PRO A 103 13.89 2.81 29.56
CA PRO A 103 14.64 1.79 30.26
C PRO A 103 13.82 0.51 30.59
N ARG A 104 12.51 0.55 30.43
CA ARG A 104 11.65 -0.62 30.62
C ARG A 104 11.48 -1.44 29.32
N ALA A 105 12.00 -0.97 28.19
CA ALA A 105 11.76 -1.68 26.89
C ALA A 105 12.43 -3.07 26.90
N ARG A 106 11.64 -4.09 26.52
CA ARG A 106 12.08 -5.50 26.54
C ARG A 106 11.69 -6.27 25.28
N PHE A 107 12.54 -7.21 24.86
CA PHE A 107 12.19 -8.27 23.88
C PHE A 107 11.39 -9.37 24.59
N HIS A 108 10.80 -10.30 23.82
CA HIS A 108 9.93 -11.38 24.37
C HIS A 108 10.69 -12.33 25.32
N ASP A 109 12.00 -12.46 25.25
CA ASP A 109 12.81 -13.29 26.19
C ASP A 109 13.15 -12.53 27.49
N GLY A 110 12.64 -11.32 27.70
CA GLY A 110 12.89 -10.48 28.89
C GLY A 110 14.23 -9.75 28.85
N SER A 111 14.96 -9.71 27.72
CA SER A 111 16.25 -8.99 27.61
C SER A 111 15.95 -7.53 27.20
N PRO A 112 16.78 -6.55 27.65
CA PRO A 112 16.53 -5.14 27.33
C PRO A 112 16.73 -4.80 25.83
N ILE A 113 15.95 -3.84 25.37
CA ILE A 113 16.16 -3.13 24.07
C ILE A 113 17.03 -1.92 24.37
N THR A 114 18.20 -1.80 23.75
CA THR A 114 19.16 -0.72 24.07
C THR A 114 19.49 0.11 22.82
N ALA A 115 20.19 1.24 23.02
CA ALA A 115 20.72 2.03 21.90
C ALA A 115 21.60 1.14 20.99
N ARG A 116 22.38 0.20 21.53
CA ARG A 116 23.21 -0.67 20.67
C ARG A 116 22.33 -1.52 19.73
N ASP A 117 21.15 -1.97 20.18
CA ASP A 117 20.27 -2.73 19.25
C ASP A 117 19.86 -1.82 18.07
N VAL A 118 19.60 -0.54 18.32
CA VAL A 118 19.16 0.38 17.23
C VAL A 118 20.34 0.55 16.24
N GLU A 119 21.55 0.82 16.75
CA GLU A 119 22.77 1.00 15.91
C GLU A 119 22.97 -0.28 15.06
N PHE A 120 22.88 -1.45 15.70
CA PHE A 120 23.01 -2.75 15.01
C PHE A 120 21.96 -2.86 13.88
N THR A 121 20.71 -2.52 14.18
CA THR A 121 19.61 -2.70 13.21
C THR A 121 19.88 -1.85 11.97
N PHE A 122 20.29 -0.59 12.15
CA PHE A 122 20.57 0.31 10.99
C PHE A 122 21.68 -0.31 10.10
N GLN A 123 22.77 -0.81 10.70
CA GLN A 123 23.88 -1.46 9.95
C GLN A 123 23.38 -2.73 9.24
N LYS A 124 22.44 -3.46 9.85
CA LYS A 124 21.89 -4.71 9.27
C LYS A 124 21.11 -4.37 7.98
N PHE A 125 20.24 -3.36 8.01
CA PHE A 125 19.51 -2.89 6.81
C PHE A 125 20.49 -2.33 5.77
N MET A 126 21.50 -1.56 6.19
CA MET A 126 22.42 -0.94 5.22
C MET A 126 23.24 -2.02 4.47
N THR A 127 23.53 -3.16 5.08
CA THR A 127 24.50 -4.18 4.52
C THR A 127 23.76 -5.41 3.97
N GLU A 128 22.58 -5.76 4.47
CA GLU A 128 21.88 -7.04 4.12
C GLU A 128 20.43 -6.76 3.74
N GLY A 129 19.95 -5.49 3.79
CA GLY A 129 18.55 -5.22 3.47
C GLY A 129 18.28 -5.00 2.00
N VAL A 130 17.03 -4.74 1.67
CA VAL A 130 16.64 -4.47 0.26
C VAL A 130 17.49 -3.32 -0.31
N PRO A 131 17.86 -3.38 -1.61
CA PRO A 131 18.85 -2.44 -2.14
C PRO A 131 18.53 -0.96 -2.02
N GLN A 132 17.25 -0.58 -2.02
CA GLN A 132 16.80 0.84 -1.96
C GLN A 132 17.22 1.42 -0.59
N PHE A 133 17.31 0.63 0.47
CA PHE A 133 17.60 1.21 1.82
C PHE A 133 18.95 1.95 1.79
N ARG A 134 20.03 1.26 1.39
CA ARG A 134 21.40 1.87 1.39
C ARG A 134 21.47 3.03 0.38
N LEU A 135 20.61 3.11 -0.64
CA LEU A 135 20.56 4.27 -1.55
C LEU A 135 19.90 5.48 -0.85
N VAL A 136 18.76 5.30 -0.21
CA VAL A 136 17.99 6.39 0.48
C VAL A 136 18.87 6.96 1.60
N TYR A 137 19.46 6.10 2.40
CA TYR A 137 20.18 6.51 3.63
C TYR A 137 21.68 6.61 3.39
N LYS A 138 22.11 6.78 2.13
CA LYS A 138 23.55 6.95 1.86
C LYS A 138 23.96 8.25 2.56
N GLY A 139 25.02 8.19 3.32
CA GLY A 139 25.40 9.48 3.97
C GLY A 139 24.80 9.66 5.37
N THR A 140 23.95 8.75 5.82
CA THR A 140 23.34 8.79 7.20
C THR A 140 24.16 7.91 8.14
N THR A 141 24.33 8.34 9.42
CA THR A 141 24.93 7.49 10.48
C THR A 141 23.94 7.34 11.66
N VAL A 142 24.03 6.20 12.36
CA VAL A 142 23.21 5.89 13.55
C VAL A 142 24.15 5.31 14.60
N LYS A 143 24.32 5.99 15.73
CA LYS A 143 25.40 5.66 16.68
C LYS A 143 24.83 5.61 18.10
N ALA A 144 25.10 4.56 18.87
CA ALA A 144 24.80 4.52 20.31
C ALA A 144 25.83 5.44 21.03
N ILE A 145 25.42 6.60 21.52
CA ILE A 145 26.35 7.57 22.20
C ILE A 145 26.30 7.41 23.73
N ALA A 146 25.31 6.69 24.25
CA ALA A 146 25.17 6.31 25.68
C ALA A 146 24.37 5.02 25.67
N PRO A 147 24.25 4.29 26.80
CA PRO A 147 23.50 3.03 26.82
C PRO A 147 22.07 3.16 26.26
N LEU A 148 21.39 4.25 26.58
CA LEU A 148 19.96 4.49 26.18
C LEU A 148 19.81 5.78 25.37
N THR A 149 20.85 6.21 24.64
CA THR A 149 20.72 7.36 23.72
C THR A 149 21.34 7.03 22.35
N VAL A 150 20.53 7.11 21.30
CA VAL A 150 20.99 6.86 19.90
C VAL A 150 20.96 8.20 19.13
N ARG A 151 22.04 8.54 18.44
CA ARG A 151 22.16 9.77 17.63
C ARG A 151 22.11 9.42 16.14
N ILE A 152 21.20 10.06 15.46
CA ILE A 152 21.01 9.91 13.98
C ILE A 152 21.53 11.21 13.33
N GLU A 153 22.42 11.10 12.36
CA GLU A 153 22.94 12.29 11.57
C GLU A 153 22.66 12.05 10.08
N LEU A 154 21.97 12.98 9.44
CA LEU A 154 21.74 12.96 7.96
C LEU A 154 22.76 13.89 7.28
N ALA A 155 23.15 13.65 6.02
CA ALA A 155 24.02 14.59 5.26
C ALA A 155 23.22 15.75 4.64
N LYS A 156 21.89 15.69 4.62
CA LYS A 156 20.96 16.71 4.08
C LYS A 156 19.79 16.91 5.03
N PRO A 157 19.12 18.06 5.03
CA PRO A 157 17.87 18.18 5.78
C PRO A 157 16.91 17.11 5.22
N GLY A 158 16.24 16.38 6.10
CA GLY A 158 15.27 15.33 5.68
C GLY A 158 14.34 14.97 6.81
N LYS A 159 13.40 15.87 7.13
CA LYS A 159 12.42 15.60 8.19
C LYS A 159 11.80 14.23 7.93
N GLU A 160 11.38 13.97 6.69
CA GLU A 160 10.62 12.73 6.41
C GLU A 160 11.57 11.54 6.47
N ASP A 161 12.83 11.67 6.05
CA ASP A 161 13.80 10.57 6.18
C ASP A 161 13.99 10.21 7.64
N MET A 162 14.08 11.21 8.55
N MET A 162 14.07 11.25 8.48
CA MET A 162 14.21 10.94 10.02
CA MET A 162 14.23 11.09 9.95
C MET A 162 12.97 10.22 10.53
C MET A 162 13.04 10.31 10.50
N LEU A 163 11.79 10.77 10.24
CA LEU A 163 10.55 10.14 10.72
C LEU A 163 10.44 8.71 10.25
N SER A 164 10.80 8.40 9.00
CA SER A 164 10.81 7.04 8.44
C SER A 164 11.68 6.13 9.31
N LEU A 165 12.83 6.60 9.84
CA LEU A 165 13.65 5.70 10.70
C LEU A 165 12.94 5.46 12.04
N PHE A 166 12.04 6.34 12.50
CA PHE A 166 11.23 6.06 13.72
C PHE A 166 10.28 4.84 13.56
N SER A 167 9.96 4.41 12.33
CA SER A 167 9.12 3.23 12.00
C SER A 167 9.91 1.96 11.72
N LEU A 168 11.25 2.02 11.73
CA LEU A 168 12.06 0.82 11.46
C LEU A 168 11.79 -0.16 12.61
N PRO A 169 11.64 -1.47 12.34
CA PRO A 169 11.62 -2.44 13.45
C PRO A 169 12.97 -2.40 14.22
N VAL A 170 12.94 -2.48 15.57
CA VAL A 170 14.21 -2.56 16.34
C VAL A 170 14.53 -4.04 16.62
N PHE A 171 15.62 -4.57 15.99
CA PHE A 171 15.95 -5.99 16.09
C PHE A 171 16.85 -6.25 17.31
N PRO A 172 16.70 -7.44 17.93
CA PRO A 172 17.67 -7.91 18.92
C PRO A 172 18.97 -8.42 18.28
N GLU A 173 20.09 -7.72 18.57
CA GLU A 173 21.40 -8.21 18.09
C GLU A 173 21.65 -9.68 18.54
N LYS A 174 21.28 -10.06 19.78
CA LYS A 174 21.61 -11.43 20.30
C LYS A 174 21.01 -12.53 19.40
N TYR A 175 19.93 -12.28 18.64
CA TYR A 175 19.31 -13.23 17.69
C TYR A 175 19.85 -12.98 16.28
N TRP A 176 19.78 -11.73 15.80
CA TRP A 176 19.99 -11.43 14.36
C TRP A 176 21.49 -11.50 13.99
N LYS A 177 22.42 -11.50 14.96
CA LYS A 177 23.85 -11.70 14.59
C LYS A 177 24.03 -13.04 13.88
N ASP A 178 23.10 -14.00 14.07
CA ASP A 178 23.22 -15.39 13.53
C ASP A 178 22.34 -15.64 12.30
N HIS A 179 21.67 -14.62 11.73
CA HIS A 179 20.74 -14.76 10.58
C HIS A 179 20.95 -13.61 9.58
N LYS A 180 21.18 -13.88 8.29
CA LYS A 180 21.31 -12.84 7.27
C LYS A 180 19.92 -12.25 7.04
N LEU A 181 19.83 -10.91 6.95
CA LEU A 181 18.52 -10.24 6.77
C LEU A 181 17.90 -10.60 5.41
N SER A 182 18.74 -10.94 4.44
CA SER A 182 18.29 -11.21 3.06
C SER A 182 17.62 -12.60 2.95
N ASP A 183 17.79 -13.51 3.94
CA ASP A 183 17.32 -14.91 3.81
C ASP A 183 15.91 -15.07 4.40
N PRO A 184 15.02 -15.84 3.75
CA PRO A 184 13.75 -16.24 4.37
C PRO A 184 13.95 -17.00 5.70
N LEU A 185 12.99 -16.88 6.63
CA LEU A 185 13.00 -17.61 7.93
C LEU A 185 11.92 -18.69 7.98
N ALA A 186 12.35 -19.96 8.22
CA ALA A 186 11.42 -21.09 8.35
C ALA A 186 10.65 -21.06 9.69
N THR A 187 11.24 -20.41 10.72
CA THR A 187 10.68 -20.27 12.10
C THR A 187 10.68 -18.79 12.50
N PRO A 188 9.69 -18.34 13.31
CA PRO A 188 9.62 -16.94 13.73
C PRO A 188 10.89 -16.45 14.43
N PRO A 189 11.34 -15.20 14.16
CA PRO A 189 12.52 -14.63 14.83
C PRO A 189 12.20 -14.20 16.27
N LEU A 190 13.23 -13.97 17.10
CA LEU A 190 12.99 -13.34 18.44
C LEU A 190 12.40 -11.94 18.20
N ALA A 191 11.30 -11.58 18.86
CA ALA A 191 10.58 -10.33 18.52
C ALA A 191 10.13 -9.57 19.78
N SER A 192 9.24 -8.61 19.65
CA SER A 192 8.99 -7.66 20.75
C SER A 192 7.54 -7.14 20.85
N GLY A 193 6.70 -7.28 19.81
CA GLY A 193 5.40 -6.58 19.84
C GLY A 193 4.34 -7.28 20.72
N PRO A 194 3.10 -6.75 20.75
CA PRO A 194 2.06 -7.20 21.66
C PRO A 194 1.49 -8.59 21.32
N TYR A 195 1.76 -9.10 20.11
CA TYR A 195 1.37 -10.47 19.72
C TYR A 195 2.60 -11.25 19.28
N ARG A 196 2.66 -12.55 19.58
CA ARG A 196 3.78 -13.45 19.25
C ARG A 196 3.22 -14.65 18.47
N VAL A 197 3.89 -15.09 17.40
CA VAL A 197 3.50 -16.35 16.71
C VAL A 197 3.67 -17.54 17.66
N THR A 198 2.63 -18.36 17.88
CA THR A 198 2.72 -19.52 18.81
C THR A 198 2.49 -20.85 18.09
N SER A 199 1.89 -20.87 16.90
CA SER A 199 1.72 -22.11 16.11
C SER A 199 1.43 -21.73 14.65
N TRP A 200 1.67 -22.68 13.75
CA TRP A 200 1.40 -22.47 12.30
C TRP A 200 1.40 -23.80 11.56
N LYS A 201 0.86 -23.78 10.34
CA LYS A 201 1.07 -24.87 9.34
C LYS A 201 1.41 -24.20 8.02
N MET A 202 2.64 -24.43 7.50
CA MET A 202 3.15 -23.68 6.32
C MET A 202 2.13 -23.74 5.18
N GLY A 203 1.81 -22.59 4.57
CA GLY A 203 0.83 -22.46 3.48
C GLY A 203 -0.62 -22.45 3.94
N GLN A 204 -0.93 -22.73 5.22
CA GLN A 204 -2.32 -23.00 5.64
C GLN A 204 -2.82 -22.10 6.77
N ASN A 205 -2.05 -21.92 7.85
CA ASN A 205 -2.55 -21.08 8.98
C ASN A 205 -1.36 -20.53 9.79
N ILE A 206 -1.61 -19.39 10.44
CA ILE A 206 -0.71 -18.78 11.46
C ILE A 206 -1.56 -18.40 12.66
N VAL A 207 -1.10 -18.72 13.89
CA VAL A 207 -1.80 -18.33 15.16
C VAL A 207 -0.89 -17.41 15.97
N TYR A 208 -1.41 -16.21 16.25
CA TYR A 208 -0.77 -15.23 17.16
C TYR A 208 -1.43 -15.28 18.54
N SER A 209 -0.61 -15.22 19.60
CA SER A 209 -1.10 -15.14 21.00
C SER A 209 -0.73 -13.77 21.61
N ARG A 210 -1.64 -13.17 22.38
CA ARG A 210 -1.38 -11.93 23.13
C ARG A 210 -0.28 -12.20 24.15
N VAL A 211 0.73 -11.32 24.21
CA VAL A 211 1.79 -11.38 25.25
C VAL A 211 1.23 -10.75 26.54
N LYS A 212 0.86 -11.56 27.56
CA LYS A 212 0.05 -11.02 28.67
C LYS A 212 0.89 -10.12 29.60
N ASP A 213 2.21 -10.24 29.62
CA ASP A 213 3.08 -9.35 30.43
C ASP A 213 3.78 -8.32 29.53
N TYR A 214 3.26 -8.02 28.34
CA TYR A 214 3.85 -7.02 27.41
C TYR A 214 4.25 -5.76 28.20
N TRP A 215 5.51 -5.37 28.07
CA TRP A 215 6.12 -4.27 28.88
C TRP A 215 5.35 -2.95 28.65
N ALA A 216 4.90 -2.69 27.41
CA ALA A 216 4.33 -1.36 27.02
C ALA A 216 2.79 -1.38 27.00
N ALA A 217 2.12 -2.35 27.68
CA ALA A 217 0.65 -2.44 27.61
C ALA A 217 -0.05 -1.17 28.10
N ASN A 218 0.54 -0.42 29.02
N ASN A 218 0.55 -0.41 29.00
CA ASN A 218 -0.11 0.78 29.64
CA ASN A 218 -0.08 0.79 29.64
C ASN A 218 0.42 2.09 29.03
C ASN A 218 0.49 2.10 29.08
N LEU A 219 1.29 2.07 28.00
CA LEU A 219 1.64 3.35 27.33
C LEU A 219 0.38 3.91 26.65
N PRO A 220 0.22 5.26 26.59
CA PRO A 220 -0.90 5.87 25.88
C PRO A 220 -1.19 5.33 24.48
N VAL A 221 -0.16 5.03 23.68
CA VAL A 221 -0.40 4.53 22.29
C VAL A 221 -1.01 3.13 22.30
N ASN A 222 -0.93 2.38 23.39
CA ASN A 222 -1.38 0.97 23.44
C ASN A 222 -2.68 0.83 24.27
N ARG A 223 -3.08 1.83 25.05
CA ARG A 223 -4.30 1.74 25.89
C ARG A 223 -5.55 1.52 25.03
N GLY A 224 -6.35 0.51 25.39
CA GLY A 224 -7.59 0.17 24.66
C GLY A 224 -7.33 -0.68 23.39
N ARG A 225 -6.08 -1.02 23.08
CA ARG A 225 -5.73 -1.80 21.85
C ARG A 225 -5.22 -3.20 22.24
N TRP A 226 -5.18 -4.13 21.27
CA TRP A 226 -4.54 -5.45 21.40
C TRP A 226 -5.33 -6.30 22.42
N ASN A 227 -6.67 -6.37 22.23
CA ASN A 227 -7.62 -6.86 23.28
C ASN A 227 -7.81 -8.38 23.15
N PHE A 228 -7.84 -8.94 21.95
CA PHE A 228 -8.07 -10.38 21.72
C PHE A 228 -6.90 -11.18 22.29
N ASP A 229 -7.18 -12.30 22.96
CA ASP A 229 -6.09 -13.23 23.34
C ASP A 229 -5.49 -13.97 22.15
N THR A 230 -6.24 -14.20 21.07
CA THR A 230 -5.77 -15.02 19.94
C THR A 230 -6.21 -14.33 18.65
N ILE A 231 -5.29 -14.20 17.68
CA ILE A 231 -5.59 -13.78 16.27
C ILE A 231 -5.15 -14.93 15.38
N ARG A 232 -6.08 -15.55 14.64
CA ARG A 232 -5.75 -16.68 13.72
C ARG A 232 -6.01 -16.26 12.29
N TYR A 233 -5.07 -16.57 11.41
CA TYR A 233 -5.22 -16.42 9.94
C TYR A 233 -5.33 -17.80 9.28
N ASP A 234 -6.40 -18.01 8.49
CA ASP A 234 -6.58 -19.20 7.63
C ASP A 234 -6.46 -18.78 6.15
N TYR A 235 -5.65 -19.51 5.39
CA TYR A 235 -5.39 -19.26 3.94
C TYR A 235 -6.43 -19.98 3.08
N TYR A 236 -6.91 -19.24 2.07
CA TYR A 236 -7.87 -19.72 1.03
C TYR A 236 -7.26 -19.46 -0.35
N LEU A 237 -7.41 -20.41 -1.29
CA LEU A 237 -6.77 -20.27 -2.63
C LEU A 237 -7.55 -19.29 -3.50
N ASP A 238 -8.84 -19.06 -3.29
CA ASP A 238 -9.48 -17.95 -4.05
C ASP A 238 -10.62 -17.35 -3.26
N ASP A 239 -11.01 -16.17 -3.69
CA ASP A 239 -11.95 -15.31 -2.94
C ASP A 239 -13.38 -15.91 -2.93
N ASN A 240 -13.80 -16.68 -3.93
CA ASN A 240 -15.13 -17.33 -3.91
C ASN A 240 -15.25 -18.37 -2.76
N VAL A 241 -14.25 -19.22 -2.61
CA VAL A 241 -14.28 -20.22 -1.51
C VAL A 241 -14.18 -19.45 -0.16
N ALA A 242 -13.40 -18.39 -0.10
CA ALA A 242 -13.33 -17.58 1.14
C ALA A 242 -14.73 -17.03 1.49
N PHE A 243 -15.44 -16.44 0.54
CA PHE A 243 -16.78 -15.86 0.80
C PHE A 243 -17.73 -16.94 1.33
N GLU A 244 -17.79 -18.11 0.68
CA GLU A 244 -18.70 -19.18 1.15
C GLU A 244 -18.32 -19.67 2.56
N ALA A 245 -17.04 -19.75 2.89
CA ALA A 245 -16.55 -20.11 4.23
C ALA A 245 -16.99 -19.05 5.26
N PHE A 246 -16.86 -17.76 4.92
CA PHE A 246 -17.36 -16.67 5.79
C PHE A 246 -18.84 -16.90 6.13
N LYS A 247 -19.67 -17.09 5.11
CA LYS A 247 -21.13 -17.27 5.37
C LYS A 247 -21.39 -18.54 6.19
N ALA A 248 -20.56 -19.57 6.10
CA ALA A 248 -20.74 -20.82 6.88
C ALA A 248 -20.21 -20.64 8.31
N GLY A 249 -19.53 -19.53 8.61
CA GLY A 249 -19.01 -19.29 9.98
C GLY A 249 -17.58 -19.76 10.21
N ALA A 250 -16.79 -20.02 9.16
CA ALA A 250 -15.40 -20.53 9.30
C ALA A 250 -14.42 -19.42 9.75
N PHE A 251 -14.76 -18.16 9.54
CA PHE A 251 -13.97 -16.98 10.04
C PHE A 251 -14.94 -15.84 10.29
N ASP A 252 -14.48 -14.79 10.98
CA ASP A 252 -15.36 -13.88 11.75
C ASP A 252 -15.67 -12.60 11.02
N LEU A 253 -14.79 -12.15 10.09
CA LEU A 253 -14.84 -10.77 9.53
C LEU A 253 -14.41 -10.78 8.07
N ARG A 254 -15.12 -10.05 7.25
CA ARG A 254 -14.87 -9.95 5.80
C ARG A 254 -14.97 -8.50 5.33
N MET A 255 -13.94 -8.08 4.57
CA MET A 255 -13.96 -6.83 3.78
C MET A 255 -14.40 -7.18 2.36
N GLU A 256 -15.59 -6.70 1.92
CA GLU A 256 -16.20 -7.18 0.64
C GLU A 256 -15.74 -6.33 -0.55
N ASN A 257 -14.87 -6.87 -1.38
CA ASN A 257 -14.35 -6.12 -2.56
C ASN A 257 -15.11 -6.47 -3.83
N ASP A 258 -16.11 -7.34 -3.78
CA ASP A 258 -16.85 -7.80 -4.99
C ASP A 258 -18.25 -7.20 -4.98
N ALA A 259 -18.60 -6.45 -6.03
CA ALA A 259 -19.89 -5.72 -6.10
C ALA A 259 -21.06 -6.72 -6.17
N LYS A 260 -20.96 -7.79 -6.95
CA LYS A 260 -22.09 -8.75 -7.11
C LYS A 260 -22.36 -9.43 -5.76
N ASN A 261 -21.32 -9.82 -5.02
CA ASN A 261 -21.54 -10.44 -3.68
C ASN A 261 -22.36 -9.48 -2.81
N TRP A 262 -21.94 -8.22 -2.70
CA TRP A 262 -22.60 -7.23 -1.80
C TRP A 262 -24.05 -7.01 -2.23
N ALA A 263 -24.29 -6.93 -3.53
CA ALA A 263 -25.64 -6.66 -4.05
C ALA A 263 -26.60 -7.84 -3.92
N THR A 264 -26.16 -9.08 -4.06
CA THR A 264 -27.10 -10.21 -4.27
C THR A 264 -26.90 -11.39 -3.33
N ARG A 265 -25.78 -11.53 -2.59
CA ARG A 265 -25.45 -12.81 -1.95
C ARG A 265 -25.36 -12.70 -0.42
N TYR A 266 -25.73 -11.59 0.21
CA TYR A 266 -25.77 -11.47 1.70
C TYR A 266 -27.21 -11.86 2.14
N THR A 267 -27.53 -13.14 1.93
CA THR A 267 -28.90 -13.72 2.09
C THR A 267 -28.78 -15.07 2.82
N GLY A 268 -29.91 -15.56 3.33
CA GLY A 268 -29.95 -16.89 3.95
C GLY A 268 -30.19 -16.79 5.46
N LYS A 269 -30.25 -17.96 6.09
CA LYS A 269 -30.58 -18.16 7.53
C LYS A 269 -29.74 -17.21 8.43
N ASN A 270 -28.45 -17.11 8.17
CA ASN A 270 -27.53 -16.42 9.13
C ASN A 270 -27.79 -14.91 9.13
N PHE A 271 -28.30 -14.34 8.02
CA PHE A 271 -28.70 -12.92 7.89
C PHE A 271 -30.10 -12.71 8.46
N ASP A 272 -31.04 -13.62 8.15
CA ASP A 272 -32.43 -13.62 8.71
C ASP A 272 -32.38 -13.61 10.25
N LYS A 273 -31.55 -14.44 10.85
CA LYS A 273 -31.42 -14.58 12.35
C LYS A 273 -30.49 -13.48 12.93
N LYS A 274 -29.94 -12.56 12.11
CA LYS A 274 -29.05 -11.42 12.50
C LYS A 274 -27.82 -11.98 13.25
N TYR A 275 -27.30 -13.12 12.84
CA TYR A 275 -26.01 -13.65 13.33
C TYR A 275 -24.86 -12.89 12.68
N ILE A 276 -25.07 -12.39 11.46
CA ILE A 276 -24.04 -11.62 10.67
C ILE A 276 -24.53 -10.16 10.51
N ILE A 277 -23.68 -9.19 10.82
CA ILE A 277 -23.91 -7.73 10.72
C ILE A 277 -23.28 -7.27 9.38
N LYS A 278 -23.96 -6.42 8.60
CA LYS A 278 -23.42 -5.83 7.34
C LYS A 278 -23.27 -4.32 7.59
N ASP A 279 -22.17 -3.66 7.23
CA ASP A 279 -21.94 -2.23 7.57
C ASP A 279 -21.31 -1.54 6.36
N GLU A 280 -21.86 -0.41 5.95
CA GLU A 280 -21.37 0.42 4.82
C GLU A 280 -21.16 1.82 5.36
N GLN A 281 -19.95 2.33 5.38
CA GLN A 281 -19.67 3.73 5.82
C GLN A 281 -18.88 4.46 4.75
N LYS A 282 -19.30 5.69 4.45
CA LYS A 282 -18.57 6.63 3.56
C LYS A 282 -17.19 6.92 4.17
N ASN A 283 -16.16 7.00 3.33
CA ASN A 283 -14.78 7.38 3.73
C ASN A 283 -14.43 8.66 2.95
N GLU A 284 -14.04 9.74 3.62
CA GLU A 284 -13.82 11.06 2.95
C GLU A 284 -12.31 11.32 2.78
N SER A 285 -11.48 10.27 2.93
CA SER A 285 -10.01 10.33 3.07
C SER A 285 -9.32 9.92 1.75
N ALA A 286 -8.00 10.00 1.66
CA ALA A 286 -7.21 9.49 0.50
C ALA A 286 -7.58 8.03 0.23
N GLN A 287 -7.62 7.66 -1.06
CA GLN A 287 -8.21 6.40 -1.52
C GLN A 287 -7.16 5.52 -2.24
N ASP A 288 -7.06 4.24 -1.86
CA ASP A 288 -6.39 3.18 -2.70
C ASP A 288 -7.07 3.12 -4.08
N THR A 289 -6.28 3.00 -5.16
CA THR A 289 -6.82 2.92 -6.54
C THR A 289 -6.31 1.68 -7.27
N ARG A 290 -7.16 1.12 -8.14
CA ARG A 290 -6.73 -0.04 -9.00
C ARG A 290 -6.32 0.48 -10.39
N TRP A 291 -5.28 -0.13 -10.95
CA TRP A 291 -4.69 0.14 -12.28
C TRP A 291 -4.19 -1.17 -12.90
N LEU A 292 -4.08 -1.19 -14.25
CA LEU A 292 -3.31 -2.23 -14.97
C LEU A 292 -1.98 -1.61 -15.42
N ALA A 293 -0.87 -2.14 -14.96
CA ALA A 293 0.47 -1.67 -15.38
C ALA A 293 0.77 -2.12 -16.84
N PHE A 294 1.26 -1.16 -17.67
CA PHE A 294 1.95 -1.43 -18.93
C PHE A 294 3.44 -1.55 -18.60
N ASN A 295 4.10 -2.64 -18.99
CA ASN A 295 5.59 -2.73 -18.97
C ASN A 295 6.15 -1.97 -20.18
N ILE A 296 6.54 -0.72 -19.99
CA ILE A 296 6.98 0.17 -21.12
C ILE A 296 8.39 -0.23 -21.59
N GLN A 297 9.05 -1.10 -20.86
CA GLN A 297 10.38 -1.69 -21.30
C GLN A 297 10.16 -2.74 -22.38
N ARG A 298 8.96 -3.25 -22.60
CA ARG A 298 8.74 -4.26 -23.66
C ARG A 298 8.30 -3.55 -24.93
N PRO A 299 8.81 -3.97 -26.10
CA PRO A 299 8.44 -3.31 -27.36
C PRO A 299 6.94 -3.10 -27.56
N VAL A 300 6.10 -4.06 -27.19
CA VAL A 300 4.67 -4.00 -27.49
C VAL A 300 4.09 -2.72 -26.84
N PHE A 301 4.64 -2.27 -25.68
CA PHE A 301 4.05 -1.10 -24.97
C PHE A 301 5.01 0.10 -24.90
N SER A 302 6.02 0.15 -25.79
CA SER A 302 7.01 1.25 -25.81
C SER A 302 6.42 2.55 -26.40
N ASP A 303 5.33 2.50 -27.21
CA ASP A 303 4.78 3.71 -27.87
C ASP A 303 3.54 4.19 -27.07
N ARG A 304 3.57 5.43 -26.58
CA ARG A 304 2.44 6.10 -25.88
C ARG A 304 1.14 5.93 -26.68
N ARG A 305 1.17 5.96 -28.03
CA ARG A 305 -0.06 5.82 -28.84
C ARG A 305 -0.73 4.46 -28.62
N VAL A 306 0.04 3.38 -28.54
CA VAL A 306 -0.47 2.02 -28.36
C VAL A 306 -1.08 1.94 -26.94
N ARG A 307 -0.40 2.48 -25.93
CA ARG A 307 -0.98 2.50 -24.53
C ARG A 307 -2.32 3.29 -24.52
N GLU A 308 -2.41 4.43 -25.19
CA GLU A 308 -3.66 5.23 -25.34
C GLU A 308 -4.75 4.39 -26.00
N ALA A 309 -4.45 3.73 -27.12
CA ALA A 309 -5.42 2.90 -27.85
C ALA A 309 -5.98 1.74 -27.01
N ILE A 310 -5.10 1.06 -26.27
CA ILE A 310 -5.53 -0.09 -25.42
C ILE A 310 -6.43 0.45 -24.29
N THR A 311 -6.09 1.63 -23.74
CA THR A 311 -6.96 2.28 -22.71
C THR A 311 -8.38 2.55 -23.28
N LEU A 312 -8.49 3.04 -24.52
CA LEU A 312 -9.81 3.35 -25.16
C LEU A 312 -10.65 2.07 -25.29
N ALA A 313 -10.04 0.90 -25.37
CA ALA A 313 -10.76 -0.38 -25.55
C ALA A 313 -11.40 -0.87 -24.24
N PHE A 314 -11.03 -0.31 -23.10
CA PHE A 314 -11.52 -0.76 -21.75
C PHE A 314 -12.85 -0.05 -21.44
N ASP A 315 -14.00 -0.74 -21.57
CA ASP A 315 -15.34 -0.05 -21.50
C ASP A 315 -15.84 -0.04 -20.05
N PHE A 316 -15.39 0.93 -19.26
CA PHE A 316 -15.76 0.98 -17.83
C PHE A 316 -17.27 1.18 -17.64
N GLU A 317 -17.88 2.05 -18.43
CA GLU A 317 -19.33 2.36 -18.17
C GLU A 317 -20.13 1.09 -18.45
N TRP A 318 -19.82 0.29 -19.48
CA TRP A 318 -20.52 -1.00 -19.69
C TRP A 318 -20.29 -1.97 -18.54
N MET A 319 -19.03 -2.15 -18.06
CA MET A 319 -18.73 -3.05 -16.94
C MET A 319 -19.52 -2.61 -15.68
N ASN A 320 -19.56 -1.32 -15.37
CA ASN A 320 -20.14 -0.81 -14.11
C ASN A 320 -21.66 -1.06 -14.16
N LYS A 321 -22.28 -0.87 -15.32
CA LYS A 321 -23.78 -1.00 -15.46
C LYS A 321 -24.17 -2.47 -15.57
N ALA A 322 -23.50 -3.23 -16.44
CA ALA A 322 -23.88 -4.61 -16.75
C ALA A 322 -23.46 -5.60 -15.68
N LEU A 323 -22.27 -5.46 -15.06
CA LEU A 323 -21.65 -6.43 -14.16
C LEU A 323 -21.65 -5.99 -12.69
N PHE A 324 -21.48 -4.71 -12.38
CA PHE A 324 -21.06 -4.30 -11.01
C PHE A 324 -22.10 -3.39 -10.32
N TYR A 325 -23.38 -3.42 -10.72
CA TYR A 325 -24.49 -2.73 -10.00
C TYR A 325 -24.19 -1.24 -9.76
N ASN A 326 -23.52 -0.58 -10.74
N ASN A 326 -23.47 -0.54 -10.66
CA ASN A 326 -23.02 0.82 -10.73
CA ASN A 326 -23.18 0.92 -10.53
C ASN A 326 -22.38 1.16 -9.37
C ASN A 326 -22.34 1.21 -9.29
N ALA A 327 -21.61 0.23 -8.78
CA ALA A 327 -20.94 0.36 -7.44
C ALA A 327 -19.66 1.22 -7.48
N TRP A 328 -18.98 1.20 -8.61
CA TRP A 328 -17.58 1.74 -8.65
C TRP A 328 -17.49 3.16 -9.22
N SER A 329 -16.39 3.83 -8.86
CA SER A 329 -15.97 5.14 -9.42
C SER A 329 -14.72 4.91 -10.29
N ARG A 330 -14.57 5.66 -11.37
CA ARG A 330 -13.35 5.50 -12.22
C ARG A 330 -12.15 6.14 -11.53
N THR A 331 -11.03 5.42 -11.45
CA THR A 331 -9.70 5.99 -11.01
C THR A 331 -9.28 7.12 -11.97
N ASN A 332 -8.79 8.25 -11.46
CA ASN A 332 -8.34 9.34 -12.37
C ASN A 332 -7.14 10.11 -11.81
N SER A 333 -6.47 9.66 -10.77
CA SER A 333 -5.40 10.44 -10.12
C SER A 333 -4.48 9.51 -9.32
N TYR A 334 -3.20 9.89 -9.16
CA TYR A 334 -2.25 9.24 -8.22
C TYR A 334 -2.35 9.88 -6.81
N PHE A 335 -3.18 10.93 -6.67
CA PHE A 335 -3.49 11.50 -5.31
C PHE A 335 -5.02 11.53 -5.14
N GLN A 336 -5.69 10.44 -5.48
CA GLN A 336 -7.18 10.36 -5.57
C GLN A 336 -7.90 10.85 -4.29
N ASN A 337 -8.82 11.79 -4.47
CA ASN A 337 -9.72 12.31 -3.38
C ASN A 337 -8.90 13.13 -2.39
N THR A 338 -7.83 13.76 -2.85
CA THR A 338 -7.05 14.76 -2.08
C THR A 338 -6.93 16.07 -2.87
N GLU A 339 -6.48 17.11 -2.16
CA GLU A 339 -6.19 18.47 -2.71
C GLU A 339 -5.05 18.41 -3.73
N TYR A 340 -4.25 17.33 -3.73
CA TYR A 340 -3.04 17.22 -4.61
C TYR A 340 -3.43 16.62 -6.00
N ALA A 341 -4.65 16.15 -6.20
CA ALA A 341 -5.12 15.65 -7.51
C ALA A 341 -5.27 16.80 -8.52
N ALA A 342 -4.76 16.65 -9.76
CA ALA A 342 -4.79 17.70 -10.80
C ALA A 342 -6.15 17.74 -11.52
N ARG A 343 -7.22 18.14 -10.81
CA ARG A 343 -8.59 18.05 -11.37
C ARG A 343 -9.05 19.39 -11.98
N ASN A 344 -8.22 20.42 -11.96
CA ASN A 344 -8.47 21.71 -12.65
C ASN A 344 -7.36 22.00 -13.67
N TYR A 345 -7.50 23.09 -14.44
CA TYR A 345 -6.41 23.54 -15.34
C TYR A 345 -5.21 24.00 -14.53
N PRO A 346 -3.96 23.88 -15.05
CA PRO A 346 -2.79 24.28 -14.31
C PRO A 346 -2.85 25.79 -13.99
N ASP A 347 -2.35 26.17 -12.83
CA ASP A 347 -2.28 27.58 -12.40
C ASP A 347 -0.86 28.13 -12.64
N ALA A 348 -0.61 29.39 -12.30
CA ALA A 348 0.68 30.03 -12.66
C ALA A 348 1.86 29.32 -12.01
N ALA A 349 1.70 28.87 -10.77
CA ALA A 349 2.75 28.19 -9.99
C ALA A 349 3.13 26.83 -10.66
N GLU A 350 2.15 26.10 -11.14
CA GLU A 350 2.36 24.81 -11.87
C GLU A 350 3.07 25.08 -13.21
N LEU A 351 2.70 26.16 -13.89
CA LEU A 351 3.33 26.53 -15.20
C LEU A 351 4.80 26.92 -15.02
N VAL A 352 5.21 27.59 -13.94
CA VAL A 352 6.65 27.84 -13.61
C VAL A 352 7.39 26.50 -13.53
N LEU A 353 6.76 25.47 -12.94
CA LEU A 353 7.39 24.14 -12.78
C LEU A 353 7.46 23.40 -14.12
N LEU A 354 6.45 23.50 -14.95
CA LEU A 354 6.29 22.58 -16.12
C LEU A 354 6.89 23.20 -17.41
N ALA A 355 6.76 24.52 -17.59
CA ALA A 355 7.15 25.21 -18.85
C ALA A 355 8.58 24.91 -19.29
N PRO A 356 9.57 24.88 -18.40
CA PRO A 356 10.94 24.57 -18.80
C PRO A 356 11.13 23.19 -19.43
N MET A 357 10.19 22.26 -19.22
CA MET A 357 10.28 20.86 -19.73
C MET A 357 9.27 20.62 -20.84
N LYS A 358 8.75 21.65 -21.50
CA LYS A 358 7.70 21.57 -22.54
C LYS A 358 8.11 20.64 -23.70
N LYS A 359 9.39 20.62 -24.10
CA LYS A 359 9.84 19.72 -25.20
C LYS A 359 9.68 18.24 -24.86
N ASP A 360 9.60 17.89 -23.57
CA ASP A 360 9.61 16.47 -23.11
C ASP A 360 8.24 16.11 -22.49
N LEU A 361 7.18 16.90 -22.71
CA LEU A 361 5.83 16.71 -22.12
C LEU A 361 4.81 16.57 -23.24
N PRO A 362 3.79 15.71 -23.07
CA PRO A 362 2.60 15.77 -23.92
C PRO A 362 1.95 17.18 -23.93
N SER A 363 1.54 17.68 -25.09
CA SER A 363 0.96 19.05 -25.19
C SER A 363 -0.27 19.21 -24.26
N GLU A 364 -1.03 18.13 -24.04
CA GLU A 364 -2.28 18.19 -23.23
C GLU A 364 -2.02 18.50 -21.75
N VAL A 365 -0.80 18.29 -21.23
CA VAL A 365 -0.44 18.71 -19.84
C VAL A 365 -0.85 20.19 -19.66
N PHE A 366 -0.63 21.02 -20.68
CA PHE A 366 -0.81 22.50 -20.59
C PHE A 366 -2.25 22.91 -20.93
N THR A 367 -2.97 22.16 -21.76
CA THR A 367 -4.24 22.59 -22.39
C THR A 367 -5.48 21.90 -21.83
N GLN A 368 -5.37 20.71 -21.22
CA GLN A 368 -6.60 19.94 -20.91
C GLN A 368 -6.53 19.43 -19.46
N ILE A 369 -7.66 19.01 -18.91
CA ILE A 369 -7.75 18.23 -17.66
C ILE A 369 -7.78 16.74 -18.05
N TYR A 370 -6.89 15.94 -17.44
CA TYR A 370 -6.89 14.48 -17.67
C TYR A 370 -8.26 13.89 -17.32
N GLN A 371 -8.80 13.12 -18.27
CA GLN A 371 -10.10 12.40 -18.14
C GLN A 371 -9.96 11.02 -18.79
N PRO A 372 -10.04 9.89 -18.03
CA PRO A 372 -10.09 8.59 -18.68
C PRO A 372 -11.22 8.46 -19.69
N PRO A 373 -11.13 7.60 -20.71
CA PRO A 373 -12.23 7.49 -21.67
C PRO A 373 -13.56 7.13 -21.02
N VAL A 374 -14.65 7.78 -21.55
CA VAL A 374 -16.07 7.54 -21.17
C VAL A 374 -16.80 6.97 -22.38
N SER A 375 -17.59 5.93 -22.19
CA SER A 375 -18.37 5.26 -23.27
C SER A 375 -19.86 5.49 -23.03
N LYS A 376 -20.66 5.14 -24.04
CA LYS A 376 -22.14 5.19 -23.93
C LYS A 376 -22.64 4.13 -22.92
N GLY A 377 -21.90 3.04 -22.72
CA GLY A 377 -22.31 1.97 -21.80
C GLY A 377 -22.84 0.71 -22.50
N ASP A 378 -22.49 0.43 -23.81
CA ASP A 378 -23.03 -0.73 -24.60
C ASP A 378 -21.96 -1.72 -25.12
N GLY A 379 -20.67 -1.55 -24.88
CA GLY A 379 -19.61 -2.48 -25.35
C GLY A 379 -19.12 -2.16 -26.76
N TYR A 380 -19.88 -1.35 -27.48
CA TYR A 380 -19.59 -1.02 -28.88
C TYR A 380 -19.56 0.49 -29.07
N ASP A 381 -18.69 1.20 -28.32
CA ASP A 381 -18.61 2.67 -28.48
C ASP A 381 -17.86 2.98 -29.76
N ARG A 382 -18.54 3.54 -30.75
CA ARG A 382 -18.02 3.73 -32.11
C ARG A 382 -16.91 4.77 -32.02
N ASP A 383 -17.13 5.87 -31.29
CA ASP A 383 -16.15 7.00 -31.32
C ASP A 383 -14.84 6.50 -30.68
N ASN A 384 -14.91 5.79 -29.54
CA ASN A 384 -13.69 5.39 -28.82
C ASN A 384 -12.97 4.32 -29.64
N LEU A 385 -13.67 3.36 -30.24
CA LEU A 385 -12.95 2.30 -30.99
C LEU A 385 -12.39 2.88 -32.31
N LEU A 386 -13.05 3.89 -32.92
CA LEU A 386 -12.48 4.52 -34.14
C LEU A 386 -11.21 5.31 -33.75
N LYS A 387 -11.18 5.97 -32.60
CA LYS A 387 -9.98 6.70 -32.15
C LYS A 387 -8.83 5.70 -31.89
N ALA A 388 -9.14 4.56 -31.27
CA ALA A 388 -8.13 3.49 -31.02
C ALA A 388 -7.50 3.04 -32.34
N ASP A 389 -8.34 2.75 -33.35
CA ASP A 389 -7.83 2.38 -34.70
C ASP A 389 -6.93 3.48 -35.28
N LYS A 390 -7.32 4.75 -35.19
CA LYS A 390 -6.53 5.89 -35.72
C LYS A 390 -5.12 5.91 -35.11
N LEU A 391 -5.04 5.77 -33.77
CA LEU A 391 -3.75 5.81 -33.04
C LEU A 391 -2.90 4.58 -33.39
N LEU A 392 -3.49 3.38 -33.41
CA LEU A 392 -2.77 2.12 -33.76
C LEU A 392 -2.16 2.28 -35.18
N ASN A 393 -2.96 2.70 -36.16
CA ASN A 393 -2.46 2.91 -37.54
C ASN A 393 -1.26 3.89 -37.53
N GLU A 394 -1.32 5.00 -36.83
CA GLU A 394 -0.19 5.97 -36.76
C GLU A 394 1.07 5.31 -36.19
N ALA A 395 0.89 4.46 -35.17
CA ALA A 395 2.01 3.73 -34.56
C ALA A 395 2.53 2.56 -35.41
N GLY A 396 1.91 2.28 -36.55
CA GLY A 396 2.37 1.22 -37.49
C GLY A 396 1.80 -0.18 -37.23
N TRP A 397 0.66 -0.23 -36.59
CA TRP A 397 -0.09 -1.50 -36.30
C TRP A 397 -1.40 -1.48 -37.09
N VAL A 398 -1.47 -2.21 -38.21
CA VAL A 398 -2.57 -2.06 -39.21
C VAL A 398 -3.29 -3.41 -39.38
N LEU A 399 -4.54 -3.37 -39.81
CA LEU A 399 -5.33 -4.61 -40.05
C LEU A 399 -4.86 -5.32 -41.32
N LYS A 400 -4.65 -6.62 -41.19
CA LYS A 400 -4.46 -7.59 -42.33
C LYS A 400 -5.42 -8.73 -42.05
N GLY A 401 -6.50 -8.81 -42.82
CA GLY A 401 -7.65 -9.67 -42.52
C GLY A 401 -8.29 -9.17 -41.27
N GLN A 402 -8.36 -10.02 -40.27
CA GLN A 402 -8.98 -9.66 -38.97
C GLN A 402 -7.92 -9.32 -37.91
N GLN A 403 -6.63 -9.59 -38.14
N GLN A 403 -6.66 -9.28 -38.31
CA GLN A 403 -5.59 -9.38 -37.09
CA GLN A 403 -5.49 -9.36 -37.41
C GLN A 403 -4.81 -8.11 -37.39
C GLN A 403 -4.68 -8.08 -37.46
N ARG A 404 -4.39 -7.44 -36.32
CA ARG A 404 -3.49 -6.28 -36.34
C ARG A 404 -2.05 -6.75 -36.41
N VAL A 405 -1.27 -6.24 -37.37
CA VAL A 405 0.13 -6.65 -37.63
C VAL A 405 0.99 -5.40 -37.86
N ASN A 406 2.26 -5.54 -37.61
CA ASN A 406 3.22 -4.43 -37.77
C ASN A 406 3.34 -4.09 -39.27
N ALA A 407 3.21 -2.81 -39.62
CA ALA A 407 3.19 -2.36 -41.04
C ALA A 407 4.57 -2.61 -41.66
N THR A 408 5.64 -2.60 -40.88
CA THR A 408 7.01 -2.85 -41.41
C THR A 408 7.30 -4.37 -41.43
N THR A 409 7.02 -5.09 -40.33
CA THR A 409 7.57 -6.45 -40.13
C THR A 409 6.53 -7.57 -40.36
N GLY A 410 5.22 -7.32 -40.30
CA GLY A 410 4.19 -8.40 -40.39
C GLY A 410 3.88 -9.09 -39.05
N GLN A 411 4.62 -8.77 -37.98
CA GLN A 411 4.39 -9.42 -36.65
C GLN A 411 2.98 -9.08 -36.11
N PRO A 412 2.19 -10.06 -35.65
CA PRO A 412 0.92 -9.73 -35.00
C PRO A 412 1.09 -8.95 -33.68
N LEU A 413 0.15 -8.04 -33.41
CA LEU A 413 0.07 -7.32 -32.10
C LEU A 413 -0.58 -8.22 -31.05
N SER A 414 0.22 -8.65 -30.07
CA SER A 414 -0.20 -9.68 -29.09
C SER A 414 0.49 -9.34 -27.76
N PHE A 415 -0.17 -9.60 -26.61
CA PHE A 415 0.47 -9.48 -25.28
C PHE A 415 -0.20 -10.44 -24.30
N GLU A 416 0.46 -10.64 -23.17
CA GLU A 416 -0.04 -11.52 -22.08
C GLU A 416 -0.49 -10.69 -20.87
N LEU A 417 -1.75 -10.92 -20.43
CA LEU A 417 -2.23 -10.39 -19.14
C LEU A 417 -1.96 -11.42 -18.03
N LEU A 418 -1.11 -11.07 -17.07
CA LEU A 418 -0.74 -11.94 -15.92
C LEU A 418 -1.70 -11.67 -14.76
N LEU A 419 -2.37 -12.71 -14.22
CA LEU A 419 -3.41 -12.52 -13.15
C LEU A 419 -3.15 -13.47 -11.98
N PRO A 420 -3.39 -13.03 -10.72
CA PRO A 420 -3.53 -13.99 -9.64
C PRO A 420 -4.80 -14.82 -9.84
N ALA A 421 -4.64 -16.14 -9.71
CA ALA A 421 -5.74 -17.13 -9.66
C ALA A 421 -6.72 -16.76 -8.53
N SER A 422 -6.24 -16.10 -7.48
CA SER A 422 -7.09 -15.86 -6.27
C SER A 422 -8.17 -14.79 -6.52
N SER A 423 -8.01 -13.95 -7.55
CA SER A 423 -8.84 -12.74 -7.75
C SER A 423 -10.14 -13.09 -8.48
N ASN A 424 -11.19 -12.34 -8.13
CA ASN A 424 -12.44 -12.21 -8.94
C ASN A 424 -12.02 -11.35 -10.12
N SER A 425 -12.18 -11.86 -11.31
CA SER A 425 -11.77 -11.07 -12.51
C SER A 425 -12.87 -11.18 -13.56
N GLN A 426 -14.10 -10.73 -13.22
CA GLN A 426 -15.27 -10.73 -14.15
C GLN A 426 -15.09 -9.76 -15.34
N TRP A 427 -14.19 -8.79 -15.22
CA TRP A 427 -13.89 -7.75 -16.25
C TRP A 427 -12.98 -8.31 -17.35
N VAL A 428 -12.35 -9.49 -17.18
CA VAL A 428 -11.22 -9.89 -18.10
C VAL A 428 -11.73 -10.34 -19.47
N LEU A 429 -12.75 -11.21 -19.58
CA LEU A 429 -13.24 -11.63 -20.93
C LEU A 429 -13.86 -10.45 -21.67
N PRO A 430 -14.65 -9.56 -21.04
CA PRO A 430 -15.15 -8.39 -21.72
C PRO A 430 -14.03 -7.56 -22.37
N PHE A 431 -12.94 -7.32 -21.60
CA PHE A 431 -11.77 -6.57 -22.16
C PHE A 431 -11.09 -7.37 -23.29
N GLN A 432 -10.93 -8.68 -23.16
CA GLN A 432 -10.36 -9.53 -24.25
C GLN A 432 -11.21 -9.36 -25.52
N HIS A 433 -12.53 -9.35 -25.35
CA HIS A 433 -13.48 -9.30 -26.53
C HIS A 433 -13.32 -7.96 -27.24
N SER A 434 -13.28 -6.86 -26.51
N SER A 434 -13.30 -6.85 -26.51
CA SER A 434 -13.08 -5.51 -27.11
CA SER A 434 -13.08 -5.49 -27.08
C SER A 434 -11.76 -5.45 -27.92
C SER A 434 -11.77 -5.48 -27.92
N LEU A 435 -10.69 -5.92 -27.30
CA LEU A 435 -9.37 -5.99 -27.99
C LEU A 435 -9.45 -6.88 -29.23
N GLN A 436 -10.13 -8.04 -29.20
CA GLN A 436 -10.27 -8.91 -30.39
C GLN A 436 -11.00 -8.11 -31.49
N ARG A 437 -11.95 -7.25 -31.15
CA ARG A 437 -12.69 -6.44 -32.20
C ARG A 437 -11.78 -5.36 -32.81
N LEU A 438 -10.66 -5.02 -32.18
CA LEU A 438 -9.61 -4.15 -32.77
C LEU A 438 -8.53 -4.97 -33.47
N GLY A 439 -8.59 -6.30 -33.54
CA GLY A 439 -7.57 -7.19 -34.10
C GLY A 439 -6.37 -7.44 -33.18
N ILE A 440 -6.52 -7.22 -31.86
CA ILE A 440 -5.42 -7.36 -30.88
C ILE A 440 -5.64 -8.64 -30.08
N ASN A 441 -4.61 -9.49 -29.98
CA ASN A 441 -4.71 -10.72 -29.19
C ASN A 441 -4.16 -10.48 -27.77
N MET A 442 -4.97 -10.76 -26.77
CA MET A 442 -4.57 -10.70 -25.34
C MET A 442 -4.69 -12.13 -24.81
N ASP A 443 -3.57 -12.78 -24.50
CA ASP A 443 -3.56 -14.09 -23.85
C ASP A 443 -3.77 -13.86 -22.35
N ILE A 444 -4.50 -14.75 -21.68
CA ILE A 444 -4.72 -14.66 -20.21
C ILE A 444 -3.91 -15.76 -19.53
N ARG A 445 -3.09 -15.42 -18.52
CA ARG A 445 -2.33 -16.43 -17.73
C ARG A 445 -2.67 -16.22 -16.24
N LYS A 446 -3.40 -17.14 -15.61
CA LYS A 446 -3.69 -17.12 -14.15
C LYS A 446 -2.65 -18.00 -13.46
N VAL A 447 -2.00 -17.49 -12.41
CA VAL A 447 -0.88 -18.21 -11.71
C VAL A 447 -1.08 -18.17 -10.19
N ASP A 448 -0.39 -19.05 -9.46
CA ASP A 448 -0.54 -19.10 -7.99
C ASP A 448 0.16 -17.92 -7.32
N ASN A 449 0.01 -17.82 -5.99
CA ASN A 449 0.40 -16.61 -5.23
C ASN A 449 1.93 -16.53 -5.13
N SER A 450 2.68 -17.65 -5.15
CA SER A 450 4.18 -17.59 -5.18
C SER A 450 4.67 -17.05 -6.53
N GLN A 451 4.13 -17.59 -7.62
CA GLN A 451 4.52 -17.14 -8.99
C GLN A 451 4.17 -15.68 -9.20
N ILE A 452 3.00 -15.21 -8.82
CA ILE A 452 2.63 -13.80 -9.06
C ILE A 452 3.58 -12.90 -8.26
N THR A 453 3.94 -13.28 -7.03
CA THR A 453 4.88 -12.47 -6.21
C THR A 453 6.26 -12.39 -6.87
N ASN A 454 6.85 -13.50 -7.31
CA ASN A 454 8.17 -13.50 -7.98
C ASN A 454 8.14 -12.67 -9.28
N ARG A 455 7.11 -12.87 -10.11
CA ARG A 455 7.07 -12.17 -11.43
C ARG A 455 6.73 -10.68 -11.25
N MET A 456 5.90 -10.34 -10.29
N MET A 456 5.89 -10.34 -10.29
CA MET A 456 5.59 -8.90 -9.99
CA MET A 456 5.61 -8.91 -10.00
C MET A 456 6.89 -8.20 -9.62
C MET A 456 6.92 -8.21 -9.63
N ARG A 457 7.68 -8.84 -8.74
CA ARG A 457 8.94 -8.24 -8.23
C ARG A 457 9.96 -8.03 -9.35
N SER A 458 10.12 -8.98 -10.29
CA SER A 458 11.10 -8.88 -11.41
C SER A 458 10.53 -8.16 -12.64
N ARG A 459 9.26 -7.72 -12.62
CA ARG A 459 8.61 -7.11 -13.81
C ARG A 459 8.58 -8.10 -14.99
N ASP A 460 8.40 -9.40 -14.71
CA ASP A 460 8.29 -10.42 -15.78
C ASP A 460 6.82 -10.56 -16.23
N TYR A 461 6.33 -9.50 -16.87
CA TYR A 461 4.94 -9.38 -17.42
C TYR A 461 4.96 -8.38 -18.55
N ASP A 462 3.95 -8.50 -19.44
CA ASP A 462 3.54 -7.40 -20.35
C ASP A 462 2.57 -6.47 -19.62
N MET A 463 1.49 -7.00 -19.05
CA MET A 463 0.48 -6.26 -18.26
C MET A 463 0.10 -7.06 -17.03
N MET A 464 -0.07 -6.40 -15.87
CA MET A 464 -0.62 -7.05 -14.65
C MET A 464 -1.36 -6.00 -13.80
N PRO A 465 -2.36 -6.45 -13.01
CA PRO A 465 -3.08 -5.49 -12.14
C PRO A 465 -2.20 -5.10 -10.95
N ARG A 466 -2.25 -3.80 -10.57
CA ARG A 466 -1.50 -3.24 -9.43
C ARG A 466 -2.45 -2.34 -8.62
N VAL A 467 -2.26 -2.30 -7.31
CA VAL A 467 -2.93 -1.31 -6.44
C VAL A 467 -1.94 -0.22 -6.14
N TRP A 468 -2.32 1.05 -6.38
CA TRP A 468 -1.56 2.27 -5.96
C TRP A 468 -2.15 2.68 -4.59
N ARG A 469 -1.38 2.49 -3.53
CA ARG A 469 -1.88 2.75 -2.14
C ARG A 469 -2.17 4.25 -1.97
N ALA A 470 -3.13 4.57 -1.12
CA ALA A 470 -3.46 5.97 -0.77
C ALA A 470 -2.19 6.73 -0.34
N MET A 471 -2.01 7.90 -0.92
CA MET A 471 -0.87 8.78 -0.58
C MET A 471 -1.44 10.16 -0.26
N PRO A 472 -1.69 10.49 1.04
CA PRO A 472 -2.47 11.70 1.40
C PRO A 472 -1.71 13.02 1.13
N TRP A 473 -0.39 12.98 0.96
CA TRP A 473 0.43 14.14 0.50
C TRP A 473 1.57 13.62 -0.38
N PRO A 474 2.26 14.50 -1.17
CA PRO A 474 3.37 14.06 -2.01
C PRO A 474 4.61 13.80 -1.15
N SER A 475 4.82 12.54 -0.78
CA SER A 475 5.83 12.02 0.16
C SER A 475 7.17 11.83 -0.57
N SER A 476 8.32 11.88 0.14
CA SER A 476 9.62 11.49 -0.42
C SER A 476 9.63 10.01 -0.78
N ASP A 477 8.68 9.18 -0.30
CA ASP A 477 8.62 7.78 -0.75
C ASP A 477 8.32 7.68 -2.26
N LEU A 478 7.73 8.72 -2.87
CA LEU A 478 7.47 8.70 -4.36
C LEU A 478 8.72 8.29 -5.14
N GLN A 479 9.93 8.66 -4.72
CA GLN A 479 11.18 8.29 -5.44
C GLN A 479 11.29 6.75 -5.61
N ILE A 480 10.86 5.98 -4.62
CA ILE A 480 11.04 4.51 -4.66
C ILE A 480 10.22 3.90 -5.79
N SER A 481 9.01 4.42 -6.02
CA SER A 481 8.06 3.90 -7.04
C SER A 481 8.36 4.46 -8.42
N TRP A 482 8.98 5.65 -8.55
CA TRP A 482 8.98 6.35 -9.86
C TRP A 482 10.35 6.88 -10.33
N SER A 483 11.30 7.18 -9.45
CA SER A 483 12.59 7.80 -9.86
C SER A 483 13.54 6.75 -10.48
N SER A 484 14.36 7.21 -11.46
N SER A 484 14.36 7.17 -11.46
CA SER A 484 15.25 6.34 -12.29
CA SER A 484 15.17 6.23 -12.28
C SER A 484 16.15 5.44 -11.45
C SER A 484 16.15 5.40 -11.44
N GLU A 485 16.74 5.95 -10.39
CA GLU A 485 17.79 5.22 -9.62
C GLU A 485 17.17 4.07 -8.82
N TYR A 486 15.84 4.12 -8.55
CA TYR A 486 15.11 3.09 -7.77
C TYR A 486 14.37 2.08 -8.69
N ILE A 487 14.73 1.98 -9.97
CA ILE A 487 14.02 1.12 -10.97
C ILE A 487 13.88 -0.32 -10.47
N ASN A 488 14.84 -0.85 -9.70
CA ASN A 488 14.82 -2.27 -9.25
C ASN A 488 14.31 -2.43 -7.81
N SER A 489 13.51 -1.50 -7.30
CA SER A 489 13.01 -1.53 -5.90
C SER A 489 11.86 -2.53 -5.66
N THR A 490 11.23 -3.01 -6.75
CA THR A 490 9.99 -3.83 -6.86
C THR A 490 8.76 -2.92 -6.82
N TYR A 491 8.90 -1.59 -6.74
CA TYR A 491 7.73 -0.68 -6.65
C TYR A 491 7.49 0.08 -7.97
N ASN A 492 8.41 -0.01 -8.94
CA ASN A 492 8.26 0.72 -10.24
C ASN A 492 7.55 -0.22 -11.24
N ALA A 493 6.21 -0.18 -11.26
CA ALA A 493 5.42 -1.16 -12.03
C ALA A 493 5.56 -1.02 -13.55
N PRO A 494 5.63 0.19 -14.12
CA PRO A 494 5.78 0.31 -15.57
C PRO A 494 7.22 0.16 -16.06
N GLY A 495 8.21 0.32 -15.16
CA GLY A 495 9.61 0.38 -15.62
C GLY A 495 10.01 1.71 -16.21
N VAL A 496 9.54 2.81 -15.61
CA VAL A 496 9.84 4.15 -16.19
C VAL A 496 11.12 4.75 -15.58
N GLN A 497 11.95 5.31 -16.46
CA GLN A 497 13.18 6.10 -16.12
C GLN A 497 13.11 7.42 -16.91
N SER A 498 12.53 8.45 -16.29
CA SER A 498 12.24 9.73 -16.99
C SER A 498 12.95 10.88 -16.27
N PRO A 499 13.70 11.76 -16.99
CA PRO A 499 14.30 12.93 -16.34
C PRO A 499 13.27 13.98 -15.90
N VAL A 500 12.10 14.01 -16.54
CA VAL A 500 10.97 14.90 -16.14
C VAL A 500 10.47 14.49 -14.73
N ILE A 501 10.16 13.20 -14.57
CA ILE A 501 9.70 12.64 -13.26
C ILE A 501 10.79 12.89 -12.21
N ASP A 502 12.04 12.61 -12.55
CA ASP A 502 13.17 12.74 -11.60
C ASP A 502 13.24 14.19 -11.10
N SER A 503 13.15 15.16 -12.01
CA SER A 503 13.21 16.60 -11.63
C SER A 503 12.08 16.99 -10.67
N LEU A 504 10.84 16.59 -10.95
CA LEU A 504 9.70 16.98 -10.08
C LEU A 504 9.88 16.30 -8.72
N ILE A 505 10.30 15.05 -8.68
CA ILE A 505 10.44 14.36 -7.38
C ILE A 505 11.61 14.99 -6.61
N ASN A 506 12.72 15.35 -7.25
CA ASN A 506 13.83 16.04 -6.52
C ASN A 506 13.26 17.33 -5.87
N GLN A 507 12.40 18.07 -6.53
CA GLN A 507 11.79 19.32 -6.03
C GLN A 507 10.81 19.01 -4.87
N ILE A 508 10.05 17.92 -4.95
CA ILE A 508 9.21 17.45 -3.80
C ILE A 508 10.06 17.12 -2.58
N ILE A 509 11.17 16.45 -2.74
CA ILE A 509 12.07 16.12 -1.59
C ILE A 509 12.58 17.42 -0.96
N ALA A 510 13.06 18.35 -1.79
CA ALA A 510 13.56 19.67 -1.31
C ALA A 510 12.47 20.44 -0.57
N ALA A 511 11.17 20.24 -0.90
CA ALA A 511 10.03 20.91 -0.23
C ALA A 511 9.45 20.05 0.91
N GLN A 512 10.16 19.05 1.43
CA GLN A 512 9.69 18.13 2.54
C GLN A 512 9.14 19.00 3.67
N GLY A 513 7.90 18.76 4.09
CA GLY A 513 7.35 19.42 5.29
C GLY A 513 6.80 20.79 4.97
N ASN A 514 6.76 21.23 3.70
CA ASN A 514 6.19 22.55 3.31
C ASN A 514 4.96 22.37 2.42
N LYS A 515 3.76 22.49 2.99
CA LYS A 515 2.49 22.27 2.24
C LYS A 515 2.30 23.27 1.07
N GLU A 516 2.64 24.57 1.19
CA GLU A 516 2.30 25.56 0.15
C GLU A 516 3.12 25.29 -1.13
N LYS A 517 4.34 24.75 -1.00
CA LYS A 517 5.18 24.37 -2.18
C LYS A 517 4.69 23.00 -2.71
N LEU A 518 4.31 22.08 -1.80
CA LEU A 518 3.89 20.70 -2.20
C LEU A 518 2.59 20.70 -2.98
N LEU A 519 1.66 21.65 -2.84
CA LEU A 519 0.37 21.65 -3.60
C LEU A 519 0.60 21.71 -5.12
N PRO A 520 1.29 22.73 -5.69
CA PRO A 520 1.54 22.72 -7.13
C PRO A 520 2.50 21.62 -7.60
N LEU A 521 3.45 21.21 -6.77
CA LEU A 521 4.39 20.08 -7.12
C LEU A 521 3.57 18.78 -7.26
N GLY A 522 2.66 18.48 -6.33
CA GLY A 522 1.90 17.22 -6.43
C GLY A 522 1.03 17.25 -7.68
N ARG A 523 0.31 18.34 -7.95
CA ARG A 523 -0.58 18.45 -9.13
C ARG A 523 0.26 18.33 -10.42
N ALA A 524 1.44 18.96 -10.48
CA ALA A 524 2.31 18.90 -11.69
C ALA A 524 2.75 17.44 -11.95
N LEU A 525 3.11 16.74 -10.89
CA LEU A 525 3.56 15.31 -11.03
C LEU A 525 2.35 14.45 -11.46
N ASP A 526 1.17 14.69 -10.88
CA ASP A 526 -0.05 13.94 -11.27
C ASP A 526 -0.27 14.07 -12.79
N ARG A 527 -0.12 15.28 -13.34
CA ARG A 527 -0.32 15.51 -14.79
C ARG A 527 0.71 14.68 -15.60
N VAL A 528 1.96 14.67 -15.20
CA VAL A 528 3.00 13.90 -15.97
C VAL A 528 2.68 12.39 -15.91
N LEU A 529 2.38 11.83 -14.74
CA LEU A 529 2.16 10.37 -14.61
C LEU A 529 0.88 9.96 -15.35
N THR A 530 -0.21 10.73 -15.29
CA THR A 530 -1.49 10.39 -15.96
C THR A 530 -1.40 10.58 -17.49
N TRP A 531 -0.89 11.73 -17.95
CA TRP A 531 -0.92 12.02 -19.40
C TRP A 531 0.03 11.10 -20.19
N ASN A 532 1.03 10.48 -19.57
CA ASN A 532 1.93 9.51 -20.27
C ASN A 532 1.29 8.13 -20.37
N TYR A 533 0.16 7.82 -19.71
CA TYR A 533 -0.56 6.52 -19.86
C TYR A 533 0.44 5.41 -19.47
N TYR A 534 1.16 5.58 -18.36
CA TYR A 534 2.06 4.52 -17.86
C TYR A 534 1.25 3.31 -17.35
N MET A 535 0.06 3.55 -16.81
CA MET A 535 -0.90 2.53 -16.34
C MET A 535 -2.31 2.84 -16.87
N LEU A 536 -3.13 1.80 -16.95
CA LEU A 536 -4.54 1.88 -17.39
C LEU A 536 -5.41 2.01 -16.12
N PRO A 537 -6.09 3.18 -15.92
CA PRO A 537 -6.92 3.32 -14.71
C PRO A 537 -8.13 2.37 -14.66
N MET A 538 -8.31 1.71 -13.50
CA MET A 538 -9.51 0.88 -13.25
C MET A 538 -10.43 1.70 -12.33
N TRP A 539 -10.63 1.26 -11.10
CA TRP A 539 -11.70 1.84 -10.25
C TRP A 539 -11.29 1.90 -8.77
N TYR A 540 -12.15 2.59 -7.97
CA TYR A 540 -12.08 2.68 -6.48
C TYR A 540 -13.50 2.94 -5.98
N MET A 541 -13.70 2.79 -4.68
CA MET A 541 -14.98 3.13 -3.99
C MET A 541 -14.62 3.88 -2.71
N ALA A 542 -15.20 5.05 -2.44
CA ALA A 542 -14.93 5.80 -1.18
C ALA A 542 -15.94 5.36 -0.12
N GLU A 543 -16.11 4.08 0.00
CA GLU A 543 -17.01 3.43 0.99
C GLU A 543 -16.30 2.17 1.45
N ASP A 544 -16.39 1.85 2.75
CA ASP A 544 -15.83 0.60 3.32
C ASP A 544 -17.01 -0.35 3.55
N ARG A 545 -16.99 -1.52 2.91
CA ARG A 545 -18.09 -2.52 2.96
C ARG A 545 -17.56 -3.67 3.80
N LEU A 546 -18.06 -3.81 5.04
CA LEU A 546 -17.58 -4.79 6.03
C LEU A 546 -18.77 -5.66 6.49
N ALA A 547 -18.49 -6.90 6.83
CA ALA A 547 -19.50 -7.77 7.49
C ALA A 547 -18.79 -8.60 8.55
N TRP A 548 -19.49 -8.93 9.66
CA TRP A 548 -18.89 -9.72 10.76
C TRP A 548 -19.96 -10.53 11.50
N TRP A 549 -19.53 -11.68 12.00
CA TRP A 549 -20.31 -12.49 12.98
C TRP A 549 -20.46 -11.63 14.26
N ASP A 550 -21.66 -11.63 14.85
CA ASP A 550 -21.99 -10.61 15.88
C ASP A 550 -21.44 -11.05 17.26
N LYS A 551 -20.12 -10.98 17.46
CA LYS A 551 -19.45 -11.37 18.72
C LYS A 551 -18.50 -10.27 19.20
N PHE A 552 -18.62 -9.06 18.62
CA PHE A 552 -17.64 -7.97 18.90
C PHE A 552 -18.33 -6.68 19.36
N SER A 553 -17.59 -5.85 20.09
CA SER A 553 -17.99 -4.44 20.35
C SER A 553 -16.82 -3.52 19.96
N GLN A 554 -17.19 -2.28 19.66
CA GLN A 554 -16.29 -1.27 19.04
C GLN A 554 -16.41 0.03 19.82
N PRO A 555 -15.32 0.86 19.82
CA PRO A 555 -15.44 2.21 20.30
C PRO A 555 -16.45 3.05 19.49
N ALA A 556 -16.92 4.13 20.12
CA ALA A 556 -17.92 5.03 19.49
C ALA A 556 -17.32 5.74 18.27
N VAL A 557 -16.00 6.00 18.25
CA VAL A 557 -15.31 6.65 17.10
C VAL A 557 -14.40 5.69 16.33
N ARG A 558 -14.54 5.63 14.98
CA ARG A 558 -13.67 4.90 14.03
C ARG A 558 -12.55 5.83 13.56
N PRO A 559 -11.29 5.37 13.47
CA PRO A 559 -10.25 6.23 12.94
C PRO A 559 -10.47 6.52 11.44
N ILE A 560 -9.83 7.58 10.96
CA ILE A 560 -9.97 8.10 9.57
C ILE A 560 -9.16 7.25 8.59
N TYR A 561 -7.96 6.79 8.96
CA TYR A 561 -6.94 6.21 8.05
C TYR A 561 -6.81 4.72 8.21
N SER A 562 -7.67 4.06 8.98
CA SER A 562 -7.69 2.58 9.05
C SER A 562 -9.08 2.15 9.55
N LEU A 563 -9.38 0.85 9.52
CA LEU A 563 -10.71 0.40 10.00
C LEU A 563 -10.72 0.30 11.52
N GLY A 564 -9.57 0.31 12.18
CA GLY A 564 -9.53 0.25 13.68
C GLY A 564 -9.90 -1.11 14.25
N ILE A 565 -9.67 -2.22 13.54
CA ILE A 565 -10.01 -3.57 14.08
C ILE A 565 -9.19 -3.84 15.36
N ASP A 566 -7.95 -3.32 15.44
CA ASP A 566 -7.13 -3.51 16.68
C ASP A 566 -7.70 -2.80 17.93
N THR A 567 -8.72 -2.00 17.81
CA THR A 567 -9.48 -1.36 18.92
C THR A 567 -10.70 -2.21 19.33
N TRP A 568 -11.10 -3.19 18.53
CA TRP A 568 -12.31 -4.00 18.85
C TRP A 568 -12.01 -4.93 20.04
N TRP A 569 -13.08 -5.47 20.65
CA TRP A 569 -12.95 -6.47 21.74
C TRP A 569 -14.04 -7.53 21.59
N TYR A 570 -13.83 -8.64 22.28
CA TYR A 570 -14.76 -9.80 22.26
C TYR A 570 -15.88 -9.54 23.27
N ASP A 571 -17.13 -9.57 22.81
CA ASP A 571 -18.34 -9.22 23.62
C ASP A 571 -19.04 -10.53 24.05
N VAL A 572 -18.85 -10.97 25.30
CA VAL A 572 -19.36 -12.30 25.74
C VAL A 572 -20.88 -12.37 25.66
N ASN A 573 -21.61 -11.27 25.84
CA ASN A 573 -23.09 -11.28 25.79
C ASN A 573 -23.59 -11.42 24.36
N LYS A 574 -22.99 -10.67 23.41
CA LYS A 574 -23.37 -10.85 21.99
C LYS A 574 -23.03 -12.28 21.54
N ALA A 575 -21.83 -12.76 21.88
CA ALA A 575 -21.28 -14.06 21.44
C ALA A 575 -22.22 -15.19 21.93
N ALA A 576 -22.80 -15.01 23.12
CA ALA A 576 -23.71 -16.02 23.75
C ALA A 576 -24.93 -16.32 22.87
N LYS A 577 -25.35 -15.42 21.98
CA LYS A 577 -26.60 -15.53 21.19
C LYS A 577 -26.34 -16.23 19.85
N LEU A 578 -25.07 -16.49 19.50
CA LEU A 578 -24.74 -17.18 18.24
C LEU A 578 -24.81 -18.70 18.42
N PRO A 579 -25.02 -19.47 17.31
CA PRO A 579 -24.91 -20.94 17.35
C PRO A 579 -23.51 -21.43 17.71
N SER A 580 -23.36 -22.59 18.35
CA SER A 580 -22.05 -23.00 18.93
C SER A 580 -21.33 -24.04 18.06
N LEU B 1 4.83 4.32 5.27
CA LEU B 1 5.48 5.63 5.53
C LEU B 1 6.98 5.38 5.79
N GLY B 2 7.78 5.19 4.72
CA GLY B 2 9.07 4.51 4.82
C GLY B 2 8.98 3.01 4.48
N GLU B 3 7.79 2.38 4.45
CA GLU B 3 7.73 0.90 4.34
C GLU B 3 8.39 0.47 3.04
N PRO B 4 8.24 1.17 1.89
CA PRO B 4 8.94 0.74 0.69
C PRO B 4 10.46 0.88 0.74
N ARG B 5 10.99 1.61 1.74
CA ARG B 5 12.45 1.71 1.97
C ARG B 5 13.02 0.42 2.57
N TYR B 6 12.23 -0.37 3.27
CA TYR B 6 12.86 -1.48 4.04
C TYR B 6 12.27 -2.84 3.72
N ALA B 7 11.35 -2.99 2.76
CA ALA B 7 10.80 -4.33 2.40
C ALA B 7 10.37 -4.32 0.92
N PHE B 8 10.42 -5.47 0.25
CA PHE B 8 9.91 -5.62 -1.12
C PHE B 8 8.39 -5.67 -1.14
N ASN B 9 7.83 -5.30 -2.29
CA ASN B 9 6.39 -5.25 -2.53
C ASN B 9 5.76 -6.63 -2.34
N PHE B 10 4.53 -6.68 -1.83
CA PHE B 10 3.85 -7.97 -1.60
C PHE B 10 2.36 -7.71 -1.73
N ASN B 11 1.61 -8.41 -2.59
CA ASN B 11 0.13 -8.20 -2.59
C ASN B 11 -0.58 -9.29 -1.76
#